data_4OHV
#
_entry.id   4OHV
#
_cell.length_a   100.720
_cell.length_b   100.720
_cell.length_c   40.380
_cell.angle_alpha   90.00
_cell.angle_beta   90.00
_cell.angle_gamma   120.00
#
_symmetry.space_group_name_H-M   'P 31'
#
loop_
_entity.id
_entity.type
_entity.pdbx_description
1 polymer 'Protein clpf-1'
2 non-polymer 'PHOSPHOAMINOPHOSPHONIC ACID-ADENYLATE ESTER'
3 non-polymer 'MAGNESIUM ION'
4 non-polymer 'NONAETHYLENE GLYCOL'
5 water water
#
_entity_poly.entity_id   1
_entity_poly.type   'polypeptide(L)'
_entity_poly.pdbx_seq_one_letter_code
;GSH(MSE)SEENVQEFVLKEDCELRFAAGDDSDVCLELVKGYAEIFGTELLLNKKYTFPAKSRVAAFTWKGATIELVGTT
ESAYVAESTP(MSE)VIYLNIHAA(MSE)EEVRKKREEQAAGNSNKAKGPRLLLVGPTDVGKTTVSRILCNYSVRQGRTP
IFVELDVGQNSVSVPGTVAAVLVQKTADVIDGFERNQPIVFNFGHTSPSANLSLYEALFKE(MSE)ATTLNAQIQENDEA
KIGG(MSE)IINTCGWVDGEGYKCIVKAASAFEVDVVIVLDHERLYSDLSKELPEFVRLTHVPKSGGVEQRTGQIRSK
(MSE)RGENVHRYFYGTRANNLYPFTFDVSFDDVTLCKIGAEQLPDSCLPFG(MSE)EVENHETKLVI(MSE)EPSADIK
HHLFAFSRSTKADENVLKSPVFGFCLVTEVDLEKRT(MSE)SILCPQRTIPSKVLVFSDITHLDDQIKR
;
_entity_poly.pdbx_strand_id   A
#
loop_
_chem_comp.id
_chem_comp.type
_chem_comp.name
_chem_comp.formula
2PE non-polymer 'NONAETHYLENE GLYCOL' 'C18 H38 O10'
ANP non-polymer 'PHOSPHOAMINOPHOSPHONIC ACID-ADENYLATE ESTER' 'C10 H17 N6 O12 P3'
MG non-polymer 'MAGNESIUM ION' 'Mg 2'
#
# COMPACT_ATOMS: atom_id res chain seq x y z
N GLU A 6 -8.47 -28.18 7.15
CA GLU A 6 -8.53 -29.16 8.28
C GLU A 6 -7.21 -29.97 8.42
N GLU A 7 -7.21 -31.21 7.91
CA GLU A 7 -6.17 -32.21 8.22
C GLU A 7 -5.58 -32.85 6.96
N ASN A 8 -6.30 -32.75 5.83
CA ASN A 8 -5.87 -33.26 4.53
C ASN A 8 -4.77 -32.43 3.87
N VAL A 9 -3.86 -33.13 3.20
CA VAL A 9 -2.59 -32.59 2.73
C VAL A 9 -2.46 -32.70 1.21
N GLN A 10 -1.86 -31.68 0.61
CA GLN A 10 -1.47 -31.67 -0.80
C GLN A 10 0.01 -31.37 -0.91
N GLU A 11 0.72 -32.15 -1.71
CA GLU A 11 2.18 -32.00 -1.85
C GLU A 11 2.49 -31.58 -3.27
N PHE A 12 3.48 -30.70 -3.43
CA PHE A 12 3.84 -30.16 -4.75
C PHE A 12 5.36 -30.14 -4.97
N VAL A 13 5.82 -30.60 -6.13
CA VAL A 13 7.21 -30.43 -6.56
C VAL A 13 7.25 -29.29 -7.58
N LEU A 14 8.04 -28.27 -7.29
CA LEU A 14 8.23 -27.12 -8.19
C LEU A 14 9.60 -27.23 -8.82
N LYS A 15 9.64 -27.35 -10.14
CA LYS A 15 10.91 -27.20 -10.87
C LYS A 15 11.43 -25.77 -10.74
N GLU A 16 12.67 -25.54 -11.15
CA GLU A 16 13.23 -24.19 -11.23
C GLU A 16 12.29 -23.28 -12.01
N ASP A 17 12.10 -22.07 -11.49
CA ASP A 17 11.34 -21.02 -12.16
C ASP A 17 9.84 -21.32 -12.28
N CYS A 18 9.31 -22.08 -11.33
CA CYS A 18 7.89 -22.38 -11.25
C CYS A 18 7.34 -21.77 -9.99
N GLU A 19 6.04 -21.53 -9.96
CA GLU A 19 5.40 -21.11 -8.73
C GLU A 19 4.16 -21.92 -8.40
N LEU A 20 4.00 -22.23 -7.11
CA LEU A 20 2.75 -22.78 -6.59
C LEU A 20 1.76 -21.64 -6.38
N ARG A 21 0.70 -21.62 -7.18
CA ARG A 21 -0.38 -20.65 -7.00
C ARG A 21 -1.52 -21.32 -6.29
N PHE A 22 -1.98 -20.73 -5.20
CA PHE A 22 -3.15 -21.27 -4.52
C PHE A 22 -3.98 -20.17 -3.89
N ALA A 23 -5.26 -20.46 -3.74
CA ALA A 23 -6.20 -19.63 -3.03
C ALA A 23 -6.77 -20.46 -1.89
N ALA A 24 -6.80 -19.89 -0.69
CA ALA A 24 -7.40 -20.56 0.46
C ALA A 24 -8.90 -20.54 0.26
N GLY A 25 -9.60 -21.51 0.82
CA GLY A 25 -11.04 -21.56 0.70
C GLY A 25 -11.73 -20.31 1.22
N ASP A 26 -13.04 -20.24 0.98
CA ASP A 26 -13.84 -19.13 1.48
C ASP A 26 -14.04 -19.19 2.99
N ASP A 27 -13.91 -20.39 3.55
CA ASP A 27 -14.26 -20.64 4.94
C ASP A 27 -13.07 -20.88 5.90
N SER A 28 -11.95 -21.42 5.41
CA SER A 28 -10.90 -21.93 6.30
C SER A 28 -9.45 -21.54 5.94
N ASP A 29 -8.58 -21.61 6.94
CA ASP A 29 -7.16 -21.37 6.76
C ASP A 29 -6.51 -22.46 5.89
N VAL A 30 -5.44 -22.08 5.21
CA VAL A 30 -4.53 -23.01 4.58
C VAL A 30 -3.14 -22.75 5.11
N CYS A 31 -2.43 -23.82 5.45
CA CYS A 31 -1.08 -23.69 5.99
CA CYS A 31 -1.08 -23.70 6.00
C CYS A 31 -0.05 -24.23 5.01
N LEU A 32 0.95 -23.42 4.72
CA LEU A 32 2.00 -23.76 3.75
C LEU A 32 3.30 -24.06 4.48
N GLU A 33 3.99 -25.09 4.03
CA GLU A 33 5.32 -25.38 4.54
C GLU A 33 6.26 -25.79 3.42
N LEU A 34 7.38 -25.08 3.32
CA LEU A 34 8.47 -25.44 2.41
C LEU A 34 9.28 -26.58 3.07
N VAL A 35 9.30 -27.77 2.44
CA VAL A 35 9.96 -28.93 3.02
C VAL A 35 11.28 -29.34 2.33
N LYS A 36 11.61 -28.73 1.20
CA LYS A 36 12.92 -28.92 0.55
C LYS A 36 13.19 -27.75 -0.38
N GLY A 37 14.46 -27.34 -0.45
CA GLY A 37 14.89 -26.29 -1.36
C GLY A 37 14.57 -24.89 -0.89
N TYR A 38 14.45 -23.98 -1.85
CA TYR A 38 14.31 -22.54 -1.60
C TYR A 38 13.09 -22.02 -2.33
N ALA A 39 12.38 -21.11 -1.69
CA ALA A 39 11.19 -20.49 -2.24
C ALA A 39 10.98 -19.13 -1.61
N GLU A 40 10.25 -18.27 -2.31
CA GLU A 40 9.91 -16.97 -1.82
C GLU A 40 8.46 -16.73 -2.13
N ILE A 41 7.80 -15.92 -1.30
CA ILE A 41 6.45 -15.43 -1.61
C ILE A 41 6.49 -13.93 -1.84
N PHE A 42 6.25 -13.52 -3.08
CA PHE A 42 6.33 -12.11 -3.49
C PHE A 42 7.59 -11.41 -2.94
N GLY A 43 8.72 -12.09 -3.05
CA GLY A 43 10.01 -11.49 -2.72
C GLY A 43 10.56 -11.84 -1.37
N THR A 44 9.73 -12.34 -0.46
CA THR A 44 10.18 -12.70 0.87
C THR A 44 10.59 -14.16 0.92
N GLU A 45 11.83 -14.41 1.35
CA GLU A 45 12.34 -15.76 1.42
C GLU A 45 11.52 -16.54 2.43
N LEU A 46 11.16 -17.76 2.08
CA LEU A 46 10.52 -18.69 3.00
C LEU A 46 11.58 -19.39 3.79
N LEU A 47 11.27 -19.66 5.05
CA LEU A 47 12.14 -20.41 5.93
C LEU A 47 11.72 -21.87 5.86
N LEU A 48 12.71 -22.76 5.83
CA LEU A 48 12.50 -24.18 5.62
C LEU A 48 11.83 -24.75 6.85
N ASN A 49 10.74 -25.48 6.62
CA ASN A 49 10.00 -26.21 7.63
C ASN A 49 9.20 -25.33 8.60
N LYS A 50 9.10 -24.02 8.30
CA LYS A 50 8.24 -23.11 9.03
C LYS A 50 6.83 -23.19 8.47
N LYS A 51 5.85 -23.29 9.34
CA LYS A 51 4.46 -23.41 8.92
C LYS A 51 3.86 -22.01 8.82
N TYR A 52 3.43 -21.64 7.61
CA TYR A 52 2.83 -20.33 7.31
C TYR A 52 1.33 -20.45 7.15
N THR A 53 0.58 -19.86 8.08
CA THR A 53 -0.89 -19.99 8.07
C THR A 53 -1.53 -18.81 7.38
N PHE A 54 -2.18 -19.09 6.25
CA PHE A 54 -2.82 -18.06 5.44
C PHE A 54 -4.32 -18.11 5.70
N PRO A 55 -4.97 -16.95 5.87
CA PRO A 55 -6.39 -16.99 6.19
C PRO A 55 -7.26 -17.18 4.98
N ALA A 56 -8.54 -17.46 5.22
CA ALA A 56 -9.56 -17.56 4.18
C ALA A 56 -9.44 -16.48 3.12
N LYS A 57 -9.74 -16.89 1.88
CA LYS A 57 -9.71 -15.99 0.72
C LYS A 57 -8.31 -15.54 0.25
N SER A 58 -7.23 -15.88 0.96
CA SER A 58 -5.88 -15.49 0.55
C SER A 58 -5.56 -16.01 -0.85
N ARG A 59 -4.89 -15.20 -1.66
CA ARG A 59 -4.33 -15.67 -2.95
C ARG A 59 -2.84 -15.44 -2.94
N VAL A 60 -2.11 -16.51 -3.19
CA VAL A 60 -0.68 -16.56 -2.91
C VAL A 60 0.04 -17.33 -4.01
N ALA A 61 1.28 -16.91 -4.27
CA ALA A 61 2.19 -17.61 -5.12
C ALA A 61 3.50 -17.76 -4.37
N ALA A 62 4.00 -18.99 -4.31
CA ALA A 62 5.32 -19.28 -3.80
C ALA A 62 6.21 -19.68 -4.98
N PHE A 63 7.24 -18.89 -5.25
CA PHE A 63 8.07 -19.05 -6.43
C PHE A 63 9.41 -19.59 -6.01
N THR A 64 10.03 -20.35 -6.90
CA THR A 64 11.35 -20.86 -6.63
C THR A 64 12.24 -20.64 -7.83
N TRP A 65 13.42 -20.07 -7.57
CA TRP A 65 14.49 -19.94 -8.56
C TRP A 65 15.16 -21.27 -8.90
N LYS A 66 15.34 -22.16 -7.92
CA LYS A 66 16.12 -23.39 -8.17
C LYS A 66 15.43 -24.73 -7.94
N GLY A 67 14.16 -24.73 -7.52
CA GLY A 67 13.47 -25.97 -7.21
C GLY A 67 13.09 -26.05 -5.75
N ALA A 68 11.88 -26.54 -5.51
CA ALA A 68 11.35 -26.63 -4.17
C ALA A 68 10.28 -27.70 -4.11
N THR A 69 10.10 -28.24 -2.91
CA THR A 69 8.93 -29.07 -2.59
C THR A 69 8.15 -28.43 -1.44
N ILE A 70 6.83 -28.37 -1.60
CA ILE A 70 6.00 -27.60 -0.69
C ILE A 70 4.75 -28.39 -0.32
N GLU A 71 4.42 -28.41 0.98
CA GLU A 71 3.21 -29.01 1.49
C GLU A 71 2.15 -27.94 1.79
N LEU A 72 0.91 -28.18 1.40
CA LEU A 72 -0.22 -27.36 1.85
C LEU A 72 -1.20 -28.21 2.64
N VAL A 73 -1.51 -27.77 3.86
CA VAL A 73 -2.47 -28.43 4.73
C VAL A 73 -3.74 -27.59 4.80
N GLY A 74 -4.87 -28.24 4.55
CA GLY A 74 -6.19 -27.59 4.56
C GLY A 74 -6.85 -27.51 3.19
N THR A 75 -8.05 -26.95 3.16
CA THR A 75 -8.89 -26.88 2.00
C THR A 75 -8.46 -25.71 1.14
N THR A 76 -8.30 -25.94 -0.15
CA THR A 76 -7.97 -24.89 -1.08
C THR A 76 -9.11 -24.81 -2.06
N GLU A 77 -9.39 -23.60 -2.53
CA GLU A 77 -10.30 -23.37 -3.63
C GLU A 77 -9.58 -23.74 -4.93
N SER A 78 -8.28 -23.45 -4.98
CA SER A 78 -7.43 -23.80 -6.12
C SER A 78 -5.98 -23.90 -5.65
N ALA A 79 -5.20 -24.71 -6.36
CA ALA A 79 -3.82 -24.91 -6.05
C ALA A 79 -3.21 -25.68 -7.22
N TYR A 80 -2.33 -25.01 -7.97
CA TYR A 80 -1.58 -25.60 -9.09
C TYR A 80 -0.19 -24.94 -9.20
N VAL A 81 0.68 -25.60 -9.94
CA VAL A 81 2.03 -25.13 -10.18
C VAL A 81 2.04 -24.50 -11.57
N ALA A 82 2.47 -23.25 -11.67
CA ALA A 82 2.62 -22.57 -12.96
C ALA A 82 4.08 -22.63 -13.38
N GLU A 83 4.32 -22.97 -14.64
CA GLU A 83 5.69 -23.16 -15.15
C GLU A 83 6.20 -21.94 -15.90
N SER A 84 5.34 -20.94 -16.11
CA SER A 84 5.75 -19.73 -16.77
C SER A 84 5.28 -18.49 -15.99
N THR A 85 6.22 -17.60 -15.67
CA THR A 85 5.98 -16.41 -14.86
C THR A 85 6.84 -15.31 -15.48
N PRO A 86 6.55 -14.04 -15.20
CA PRO A 86 7.43 -12.95 -15.58
C PRO A 86 8.44 -12.60 -14.46
N MSE A 87 8.72 -13.54 -13.57
CA MSE A 87 9.55 -13.25 -12.42
C MSE A 87 10.95 -12.79 -12.78
O MSE A 87 11.49 -11.92 -12.09
CB MSE A 87 9.60 -14.42 -11.49
CG MSE A 87 8.32 -14.61 -10.72
SE MSE A 87 7.94 -13.18 -9.46
CE MSE A 87 9.50 -13.39 -8.35
N VAL A 88 11.51 -13.32 -13.86
CA VAL A 88 12.85 -12.88 -14.24
C VAL A 88 12.81 -11.42 -14.71
N ILE A 89 11.72 -11.05 -15.37
CA ILE A 89 11.49 -9.66 -15.75
C ILE A 89 11.54 -8.81 -14.49
N TYR A 90 10.75 -9.19 -13.48
CA TYR A 90 10.64 -8.37 -12.25
C TYR A 90 11.99 -8.36 -11.56
N LEU A 91 12.79 -9.41 -11.70
CA LEU A 91 14.16 -9.44 -11.12
C LEU A 91 15.14 -8.58 -11.88
N ASN A 92 15.02 -8.50 -13.20
CA ASN A 92 15.95 -7.67 -13.98
C ASN A 92 15.66 -6.18 -13.82
N ILE A 93 14.42 -5.82 -13.55
CA ILE A 93 14.11 -4.43 -13.14
C ILE A 93 14.88 -4.07 -11.84
N HIS A 94 14.90 -4.96 -10.86
CA HIS A 94 15.65 -4.67 -9.61
C HIS A 94 17.12 -4.53 -9.92
N ALA A 95 17.67 -5.50 -10.65
CA ALA A 95 19.08 -5.50 -11.07
C ALA A 95 19.44 -4.18 -11.71
N ALA A 96 18.57 -3.69 -12.58
CA ALA A 96 18.79 -2.41 -13.26
C ALA A 96 18.75 -1.22 -12.30
N MSE A 97 17.83 -1.22 -11.33
CA MSE A 97 17.81 -0.15 -10.33
C MSE A 97 19.11 -0.14 -9.56
O MSE A 97 19.71 0.90 -9.36
CB MSE A 97 16.68 -0.31 -9.31
CG MSE A 97 15.26 0.02 -9.75
SE MSE A 97 14.09 -0.27 -8.15
CE MSE A 97 14.25 1.51 -7.36
N GLU A 98 19.53 -1.32 -9.09
CA GLU A 98 20.74 -1.44 -8.28
C GLU A 98 21.94 -0.95 -9.07
N GLU A 99 21.95 -1.21 -10.38
CA GLU A 99 23.04 -0.73 -11.23
C GLU A 99 23.12 0.79 -11.24
N VAL A 100 21.96 1.44 -11.31
CA VAL A 100 21.91 2.91 -11.23
C VAL A 100 22.45 3.38 -9.89
N ARG A 101 22.05 2.70 -8.81
CA ARG A 101 22.50 3.05 -7.46
C ARG A 101 24.03 3.13 -7.35
N LYS A 102 24.72 2.11 -7.87
CA LYS A 102 26.19 2.04 -7.75
C LYS A 102 26.89 3.08 -8.59
N LYS A 103 26.44 3.24 -9.84
CA LYS A 103 27.02 4.26 -10.73
C LYS A 103 26.89 5.64 -10.12
N ARG A 104 25.72 5.91 -9.53
CA ARG A 104 25.51 7.18 -8.84
C ARG A 104 26.29 7.28 -7.51
N GLU A 105 26.68 6.15 -6.95
CA GLU A 105 27.56 6.14 -5.78
C GLU A 105 28.98 6.49 -6.21
N GLU A 106 29.45 5.84 -7.29
CA GLU A 106 30.75 6.16 -7.92
C GLU A 106 30.81 7.60 -8.43
N GLN A 107 29.72 8.11 -8.97
CA GLN A 107 29.66 9.52 -9.39
C GLN A 107 29.82 10.51 -8.21
N ALA A 108 29.87 9.99 -6.98
CA ALA A 108 30.02 10.84 -5.80
C ALA A 108 31.12 10.31 -4.85
N LYS A 114 25.69 13.76 -1.99
CA LYS A 114 25.30 12.38 -1.68
C LYS A 114 24.41 11.77 -2.77
N ALA A 115 24.58 10.46 -2.96
CA ALA A 115 23.93 9.72 -4.03
C ALA A 115 22.40 9.70 -3.95
N LYS A 116 21.78 9.91 -5.10
CA LYS A 116 20.33 9.96 -5.22
C LYS A 116 19.92 8.69 -5.94
N GLY A 117 19.12 7.86 -5.27
CA GLY A 117 18.71 6.58 -5.82
C GLY A 117 17.62 6.70 -6.87
N PRO A 118 17.43 5.62 -7.64
CA PRO A 118 16.44 5.57 -8.70
C PRO A 118 15.04 5.60 -8.18
N ARG A 119 14.15 6.26 -8.90
CA ARG A 119 12.76 6.32 -8.55
C ARG A 119 11.88 5.77 -9.65
N LEU A 120 11.02 4.84 -9.25
CA LEU A 120 10.30 4.04 -10.19
C LEU A 120 8.80 4.16 -9.99
N LEU A 121 8.09 4.44 -11.09
CA LEU A 121 6.64 4.56 -11.10
C LEU A 121 6.02 3.34 -11.80
N LEU A 122 5.11 2.67 -11.10
CA LEU A 122 4.39 1.53 -11.63
C LEU A 122 3.02 2.02 -12.03
N VAL A 123 2.64 1.77 -13.28
CA VAL A 123 1.36 2.16 -13.81
C VAL A 123 0.74 1.02 -14.61
N GLY A 124 -0.58 1.10 -14.76
CA GLY A 124 -1.33 0.09 -15.49
C GLY A 124 -2.75 0.08 -14.99
N PRO A 125 -3.61 -0.66 -15.68
CA PRO A 125 -5.01 -0.69 -15.32
C PRO A 125 -5.23 -1.56 -14.10
N THR A 126 -6.48 -1.72 -13.68
CA THR A 126 -6.77 -2.48 -12.47
C THR A 126 -6.42 -3.96 -12.66
N ASP A 127 -6.02 -4.59 -11.57
CA ASP A 127 -5.80 -6.02 -11.53
C ASP A 127 -4.80 -6.55 -12.52
N VAL A 128 -3.63 -5.93 -12.53
CA VAL A 128 -2.47 -6.42 -13.30
C VAL A 128 -1.29 -6.82 -12.42
N GLY A 129 -1.48 -6.85 -11.10
CA GLY A 129 -0.42 -7.27 -10.19
C GLY A 129 0.56 -6.16 -9.84
N LYS A 130 0.07 -4.93 -9.87
CA LYS A 130 0.88 -3.78 -9.61
C LYS A 130 1.40 -3.75 -8.17
N THR A 131 0.49 -3.89 -7.21
CA THR A 131 0.87 -3.94 -5.80
C THR A 131 1.85 -5.09 -5.53
N THR A 132 1.61 -6.25 -6.13
CA THR A 132 2.47 -7.42 -5.93
C THR A 132 3.87 -7.15 -6.47
N VAL A 133 3.91 -6.51 -7.63
CA VAL A 133 5.17 -6.13 -8.24
C VAL A 133 5.93 -5.08 -7.40
N SER A 134 5.25 -4.08 -6.85
CA SER A 134 5.93 -3.13 -5.98
CA SER A 134 5.91 -3.12 -5.96
C SER A 134 6.54 -3.88 -4.80
N ARG A 135 5.79 -4.84 -4.27
CA ARG A 135 6.23 -5.62 -3.13
C ARG A 135 7.48 -6.42 -3.44
N ILE A 136 7.47 -7.11 -4.57
CA ILE A 136 8.64 -7.85 -5.01
C ILE A 136 9.82 -6.92 -5.14
N LEU A 137 9.66 -5.80 -5.85
CA LEU A 137 10.78 -4.85 -6.05
C LEU A 137 11.30 -4.28 -4.71
N CYS A 138 10.42 -3.94 -3.78
CA CYS A 138 10.84 -3.47 -2.44
C CYS A 138 11.64 -4.53 -1.70
N ASN A 139 11.15 -5.77 -1.76
CA ASN A 139 11.79 -6.87 -1.05
C ASN A 139 13.17 -7.18 -1.61
N TYR A 140 13.30 -7.16 -2.93
CA TYR A 140 14.59 -7.41 -3.54
C TYR A 140 15.56 -6.25 -3.26
N SER A 141 15.08 -5.03 -3.10
CA SER A 141 15.97 -3.93 -2.66
C SER A 141 16.47 -4.15 -1.25
N VAL A 142 15.57 -4.52 -0.34
CA VAL A 142 15.98 -4.83 1.04
C VAL A 142 17.01 -5.97 1.09
N ARG A 143 16.76 -7.02 0.31
CA ARG A 143 17.65 -8.20 0.25
C ARG A 143 19.03 -7.90 -0.34
N GLN A 144 19.12 -6.77 -1.05
CA GLN A 144 20.35 -6.24 -1.60
C GLN A 144 21.09 -5.37 -0.59
N GLY A 145 20.42 -5.02 0.49
CA GLY A 145 20.99 -4.19 1.55
C GLY A 145 20.50 -2.76 1.54
N ARG A 146 19.56 -2.45 0.64
CA ARG A 146 19.08 -1.09 0.48
C ARG A 146 17.82 -0.85 1.29
N THR A 147 17.48 0.41 1.46
CA THR A 147 16.29 0.81 2.18
C THR A 147 15.50 1.76 1.31
N PRO A 148 14.60 1.21 0.49
CA PRO A 148 13.80 2.03 -0.39
C PRO A 148 12.58 2.59 0.30
N ILE A 149 12.01 3.63 -0.28
CA ILE A 149 10.77 4.20 0.20
C ILE A 149 9.66 3.69 -0.71
N PHE A 150 8.67 3.06 -0.12
CA PHE A 150 7.52 2.62 -0.84
C PHE A 150 6.48 3.73 -0.76
N VAL A 151 6.03 4.22 -1.93
CA VAL A 151 5.02 5.25 -1.98
C VAL A 151 3.72 4.68 -2.54
N GLU A 152 2.64 4.94 -1.82
CA GLU A 152 1.37 4.35 -2.14
C GLU A 152 0.40 5.48 -2.47
N LEU A 153 0.05 5.60 -3.74
CA LEU A 153 -0.85 6.64 -4.22
C LEU A 153 -2.28 6.12 -4.46
N ASP A 154 -2.50 4.82 -4.29
CA ASP A 154 -3.81 4.23 -4.46
C ASP A 154 -4.63 4.45 -3.19
N VAL A 155 -5.59 5.36 -3.29
CA VAL A 155 -6.47 5.71 -2.20
C VAL A 155 -7.62 4.71 -2.02
N GLY A 156 -7.78 3.78 -2.96
CA GLY A 156 -8.81 2.75 -2.87
C GLY A 156 -8.33 1.52 -2.12
N GLN A 157 -7.25 0.93 -2.61
CA GLN A 157 -6.63 -0.26 -2.00
C GLN A 157 -5.19 0.09 -1.58
N ASN A 158 -5.04 0.54 -0.35
CA ASN A 158 -3.80 1.12 0.15
C ASN A 158 -3.15 0.08 1.07
N SER A 159 -1.93 -0.31 0.76
CA SER A 159 -1.24 -1.33 1.55
C SER A 159 -0.39 -0.75 2.69
N VAL A 160 -0.42 0.57 2.90
CA VAL A 160 0.34 1.23 3.98
C VAL A 160 -0.53 1.80 5.10
N SER A 161 -1.67 2.37 4.73
CA SER A 161 -2.57 3.02 5.69
C SER A 161 -4.03 2.65 5.35
N VAL A 162 -4.98 3.43 5.88
CA VAL A 162 -6.40 3.27 5.61
C VAL A 162 -6.79 3.77 4.19
N PRO A 163 -7.96 3.35 3.71
CA PRO A 163 -8.40 3.92 2.46
C PRO A 163 -8.60 5.43 2.57
N GLY A 164 -8.54 6.08 1.43
CA GLY A 164 -8.66 7.53 1.38
C GLY A 164 -7.38 8.24 1.78
N THR A 165 -6.25 7.54 1.76
CA THR A 165 -4.98 8.18 2.05
C THR A 165 -3.98 7.98 0.91
N VAL A 166 -3.00 8.88 0.90
CA VAL A 166 -1.77 8.79 0.14
C VAL A 166 -0.64 8.63 1.19
N ALA A 167 0.19 7.60 1.06
CA ALA A 167 1.16 7.24 2.12
C ALA A 167 2.50 6.76 1.58
N ALA A 168 3.49 6.75 2.47
CA ALA A 168 4.86 6.35 2.19
C ALA A 168 5.53 5.80 3.48
N VAL A 169 6.26 4.72 3.33
CA VAL A 169 7.05 4.10 4.40
C VAL A 169 8.46 3.85 3.91
N LEU A 170 9.42 3.93 4.84
CA LEU A 170 10.79 3.48 4.57
C LEU A 170 10.75 1.98 4.80
N VAL A 171 11.19 1.21 3.83
CA VAL A 171 11.21 -0.24 3.96
C VAL A 171 12.61 -0.69 4.42
N GLN A 172 12.69 -1.26 5.62
CA GLN A 172 13.98 -1.72 6.17
C GLN A 172 14.08 -3.21 6.38
N LYS A 173 12.98 -3.92 6.10
CA LYS A 173 12.86 -5.37 6.28
C LYS A 173 11.93 -5.92 5.22
N THR A 174 12.10 -7.19 4.86
CA THR A 174 11.24 -7.79 3.87
C THR A 174 9.84 -7.88 4.44
N ALA A 175 8.85 -7.82 3.57
CA ALA A 175 7.49 -8.00 4.02
C ALA A 175 7.37 -9.32 4.76
N ASP A 176 6.54 -9.31 5.79
CA ASP A 176 6.08 -10.57 6.39
C ASP A 176 5.23 -11.26 5.33
N VAL A 177 5.34 -12.58 5.24
CA VAL A 177 4.66 -13.30 4.15
CA VAL A 177 4.67 -13.37 4.20
C VAL A 177 3.15 -13.22 4.27
N ILE A 178 2.65 -13.14 5.50
CA ILE A 178 1.22 -13.04 5.76
C ILE A 178 0.76 -11.56 5.85
N ASP A 179 1.45 -10.78 6.66
CA ASP A 179 1.01 -9.41 7.00
C ASP A 179 1.53 -8.25 6.13
N GLY A 180 2.39 -8.53 5.15
CA GLY A 180 2.95 -7.44 4.36
C GLY A 180 4.01 -6.63 5.08
N PHE A 181 4.29 -5.44 4.58
CA PHE A 181 5.38 -4.62 5.14
C PHE A 181 4.99 -4.07 6.50
N GLU A 182 5.98 -3.85 7.37
CA GLU A 182 5.73 -3.25 8.68
C GLU A 182 5.31 -1.80 8.44
N ARG A 183 4.28 -1.37 9.16
CA ARG A 183 3.71 -0.05 8.97
C ARG A 183 4.24 0.86 10.07
N ASN A 184 5.56 1.03 10.08
CA ASN A 184 6.25 1.76 11.16
C ASN A 184 6.54 3.21 10.78
N GLN A 185 5.81 4.12 11.41
CA GLN A 185 6.02 5.56 11.20
C GLN A 185 5.88 5.96 9.72
N PRO A 186 4.71 5.65 9.13
CA PRO A 186 4.47 6.12 7.79
C PRO A 186 4.19 7.61 7.78
N ILE A 187 4.42 8.23 6.64
CA ILE A 187 4.00 9.58 6.35
C ILE A 187 2.67 9.45 5.63
N VAL A 188 1.63 10.08 6.15
CA VAL A 188 0.28 9.82 5.69
C VAL A 188 -0.52 11.12 5.45
N PHE A 189 -1.04 11.26 4.24
CA PHE A 189 -1.94 12.38 3.93
C PHE A 189 -3.36 11.86 3.73
N ASN A 190 -4.30 12.54 4.36
CA ASN A 190 -5.71 12.21 4.24
C ASN A 190 -6.36 12.88 3.03
N PHE A 191 -6.67 12.07 2.04
CA PHE A 191 -7.38 12.54 0.87
C PHE A 191 -8.89 12.52 1.12
N GLY A 192 -9.38 11.48 1.81
CA GLY A 192 -10.79 11.44 2.24
C GLY A 192 -11.81 10.81 1.30
N HIS A 193 -11.34 10.14 0.25
CA HIS A 193 -12.20 9.55 -0.77
C HIS A 193 -11.57 8.28 -1.31
N THR A 194 -12.36 7.36 -1.84
CA THR A 194 -11.83 6.09 -2.33
C THR A 194 -11.35 6.15 -3.78
N SER A 195 -11.64 7.25 -4.47
CA SER A 195 -11.18 7.44 -5.84
C SER A 195 -10.66 8.87 -6.05
N PRO A 196 -9.57 9.04 -6.81
CA PRO A 196 -9.11 10.40 -7.11
C PRO A 196 -10.14 11.26 -7.83
N SER A 197 -11.01 10.62 -8.62
CA SER A 197 -12.06 11.32 -9.39
C SER A 197 -12.98 12.13 -8.52
N ALA A 198 -13.09 11.77 -7.25
CA ALA A 198 -13.88 12.58 -6.32
C ALA A 198 -13.35 14.00 -6.18
N ASN A 199 -12.03 14.22 -6.34
CA ASN A 199 -11.46 15.58 -6.26
C ASN A 199 -10.05 15.56 -6.81
N LEU A 200 -9.92 15.56 -8.14
CA LEU A 200 -8.62 15.27 -8.74
C LEU A 200 -7.59 16.37 -8.45
N SER A 201 -8.05 17.62 -8.39
CA SER A 201 -7.14 18.73 -8.09
C SER A 201 -6.54 18.62 -6.68
N LEU A 202 -7.37 18.28 -5.68
CA LEU A 202 -6.85 17.97 -4.35
C LEU A 202 -5.89 16.78 -4.34
N TYR A 203 -6.24 15.72 -5.08
CA TYR A 203 -5.39 14.52 -5.14
C TYR A 203 -3.99 14.86 -5.65
N GLU A 204 -3.95 15.63 -6.74
CA GLU A 204 -2.71 16.04 -7.32
C GLU A 204 -1.93 16.92 -6.36
N ALA A 205 -2.61 17.83 -5.67
CA ALA A 205 -1.95 18.66 -4.66
C ALA A 205 -1.35 17.82 -3.55
N LEU A 206 -2.07 16.79 -3.11
CA LEU A 206 -1.56 15.95 -2.02
C LEU A 206 -0.32 15.17 -2.41
N PHE A 207 -0.30 14.58 -3.61
CA PHE A 207 0.89 13.82 -3.96
C PHE A 207 2.08 14.71 -4.31
N LYS A 208 1.82 15.94 -4.71
CA LYS A 208 2.88 16.92 -4.86
C LYS A 208 3.44 17.30 -3.49
N GLU A 209 2.58 17.41 -2.49
CA GLU A 209 3.03 17.69 -1.13
C GLU A 209 3.78 16.47 -0.57
N MSE A 210 3.35 15.27 -0.94
CA MSE A 210 4.07 14.07 -0.60
C MSE A 210 5.48 14.05 -1.19
O MSE A 210 6.43 13.80 -0.48
CB MSE A 210 3.33 12.82 -1.06
CG MSE A 210 4.12 11.52 -0.95
SE MSE A 210 4.31 10.95 0.91
CE MSE A 210 2.54 10.17 0.97
N ALA A 211 5.61 14.35 -2.47
CA ALA A 211 6.94 14.38 -3.11
C ALA A 211 7.87 15.42 -2.48
N THR A 212 7.33 16.58 -2.14
CA THR A 212 8.13 17.67 -1.58
C THR A 212 8.64 17.32 -0.18
N THR A 213 7.79 16.64 0.58
CA THR A 213 8.10 16.25 1.94
C THR A 213 9.14 15.18 1.91
N LEU A 214 8.99 14.19 1.02
CA LEU A 214 9.95 13.09 0.94
C LEU A 214 11.34 13.57 0.50
N ASN A 215 11.38 14.52 -0.44
CA ASN A 215 12.64 15.08 -0.90
C ASN A 215 13.43 15.70 0.21
N ALA A 216 12.75 16.37 1.12
CA ALA A 216 13.41 17.05 2.23
C ALA A 216 13.77 16.07 3.34
N GLN A 217 12.97 15.01 3.49
CA GLN A 217 13.24 13.97 4.47
C GLN A 217 14.51 13.20 4.12
N ILE A 218 14.70 12.89 2.84
CA ILE A 218 15.83 12.08 2.41
C ILE A 218 17.13 12.86 2.45
N GLN A 219 17.05 14.18 2.53
CA GLN A 219 18.25 15.01 2.72
C GLN A 219 18.89 14.79 4.09
N GLU A 220 18.13 14.22 5.01
CA GLU A 220 18.59 13.92 6.36
C GLU A 220 18.90 12.42 6.61
N ASN A 221 18.75 11.61 5.56
CA ASN A 221 18.98 10.16 5.63
C ASN A 221 19.55 9.62 4.31
N ASP A 222 20.86 9.39 4.26
CA ASP A 222 21.55 8.93 3.06
C ASP A 222 21.10 7.55 2.55
N GLU A 223 20.72 6.67 3.47
CA GLU A 223 20.35 5.32 3.10
C GLU A 223 19.02 5.38 2.36
N ALA A 224 18.10 6.18 2.88
CA ALA A 224 16.83 6.41 2.24
C ALA A 224 17.03 7.10 0.89
N LYS A 225 17.96 8.05 0.83
CA LYS A 225 18.21 8.78 -0.41
C LYS A 225 18.67 7.85 -1.51
N ILE A 226 19.66 7.00 -1.22
CA ILE A 226 20.16 6.05 -2.21
C ILE A 226 19.23 4.84 -2.42
N GLY A 227 18.40 4.52 -1.43
CA GLY A 227 17.40 3.47 -1.59
C GLY A 227 16.42 3.74 -2.73
N GLY A 228 16.05 4.99 -2.90
CA GLY A 228 15.16 5.35 -4.00
C GLY A 228 13.71 5.16 -3.62
N MSE A 229 12.84 5.10 -4.63
CA MSE A 229 11.41 5.01 -4.38
C MSE A 229 10.74 4.06 -5.34
O MSE A 229 11.07 4.02 -6.52
CB MSE A 229 10.76 6.37 -4.55
CG MSE A 229 11.37 7.45 -3.70
SE MSE A 229 10.33 9.07 -3.97
CE MSE A 229 11.36 10.28 -2.83
N ILE A 230 9.81 3.29 -4.80
CA ILE A 230 8.94 2.48 -5.62
C ILE A 230 7.54 3.01 -5.35
N ILE A 231 6.88 3.48 -6.42
CA ILE A 231 5.60 4.16 -6.34
C ILE A 231 4.49 3.35 -7.03
N ASN A 232 3.53 2.88 -6.24
CA ASN A 232 2.32 2.22 -6.70
C ASN A 232 1.25 3.28 -6.98
N THR A 233 0.60 3.16 -8.14
CA THR A 233 -0.54 4.00 -8.50
C THR A 233 -1.85 3.21 -8.52
N CYS A 234 -2.99 3.89 -8.61
CA CYS A 234 -4.25 3.18 -8.86
C CYS A 234 -4.40 2.88 -10.35
N GLY A 235 -5.50 2.21 -10.71
CA GLY A 235 -5.74 1.75 -12.07
C GLY A 235 -6.43 2.75 -12.97
N TRP A 236 -6.53 4.00 -12.55
CA TRP A 236 -7.22 4.98 -13.40
C TRP A 236 -6.24 5.58 -14.38
N VAL A 237 -6.19 4.95 -15.55
CA VAL A 237 -5.24 5.29 -16.62
C VAL A 237 -5.91 6.07 -17.77
N ASP A 238 -7.23 5.99 -17.91
CA ASP A 238 -7.95 6.63 -19.00
C ASP A 238 -8.29 8.08 -18.68
N GLY A 239 -8.61 8.84 -19.72
CA GLY A 239 -9.04 10.21 -19.56
C GLY A 239 -8.13 11.03 -18.67
N GLU A 240 -8.71 11.59 -17.60
CA GLU A 240 -8.01 12.48 -16.68
C GLU A 240 -6.96 11.75 -15.88
N GLY A 241 -7.16 10.45 -15.69
CA GLY A 241 -6.22 9.59 -15.00
C GLY A 241 -4.88 9.59 -15.68
N TYR A 242 -4.89 9.71 -17.00
CA TYR A 242 -3.66 9.75 -17.79
C TYR A 242 -2.77 10.97 -17.43
N LYS A 243 -3.35 12.17 -17.41
CA LYS A 243 -2.58 13.38 -17.12
C LYS A 243 -2.04 13.31 -15.69
N CYS A 244 -2.78 12.64 -14.82
CA CYS A 244 -2.40 12.41 -13.44
C CYS A 244 -1.14 11.54 -13.31
N ILE A 245 -1.03 10.55 -14.18
CA ILE A 245 0.20 9.75 -14.27
C ILE A 245 1.41 10.62 -14.64
N VAL A 246 1.20 11.52 -15.59
CA VAL A 246 2.25 12.40 -16.08
C VAL A 246 2.71 13.39 -14.99
N LYS A 247 1.77 13.97 -14.24
CA LYS A 247 2.10 14.83 -13.11
C LYS A 247 2.81 14.11 -11.98
N ALA A 248 2.47 12.84 -11.74
CA ALA A 248 3.14 12.05 -10.72
C ALA A 248 4.56 11.75 -11.15
N ALA A 249 4.74 11.35 -12.41
CA ALA A 249 6.08 11.12 -12.95
C ALA A 249 6.97 12.37 -12.79
N SER A 250 6.37 13.53 -13.02
CA SER A 250 7.08 14.80 -12.88
C SER A 250 7.35 15.19 -11.43
N ALA A 251 6.30 15.15 -10.59
CA ALA A 251 6.44 15.56 -9.20
C ALA A 251 7.49 14.74 -8.42
N PHE A 252 7.51 13.42 -8.66
CA PHE A 252 8.45 12.51 -7.98
C PHE A 252 9.78 12.34 -8.70
N GLU A 253 9.95 13.03 -9.83
CA GLU A 253 11.15 13.01 -10.65
C GLU A 253 11.60 11.59 -10.92
N VAL A 254 10.68 10.76 -11.38
CA VAL A 254 10.98 9.37 -11.60
C VAL A 254 11.89 9.27 -12.82
N ASP A 255 12.76 8.27 -12.81
CA ASP A 255 13.61 8.00 -13.96
C ASP A 255 13.24 6.68 -14.65
N VAL A 256 12.33 5.91 -14.05
CA VAL A 256 11.84 4.68 -14.65
C VAL A 256 10.29 4.61 -14.48
N VAL A 257 9.60 4.37 -15.59
CA VAL A 257 8.20 4.02 -15.57
C VAL A 257 8.01 2.59 -16.09
N ILE A 258 7.41 1.74 -15.25
CA ILE A 258 6.99 0.40 -15.62
C ILE A 258 5.51 0.40 -15.91
N VAL A 259 5.14 0.11 -17.15
CA VAL A 259 3.75 -0.06 -17.52
C VAL A 259 3.45 -1.56 -17.52
N LEU A 260 2.44 -1.97 -16.75
CA LEU A 260 1.98 -3.37 -16.72
C LEU A 260 0.76 -3.58 -17.60
N ASP A 261 0.92 -4.35 -18.67
CA ASP A 261 -0.19 -4.84 -19.45
C ASP A 261 -1.07 -3.71 -19.95
N HIS A 262 -0.47 -2.76 -20.65
CA HIS A 262 -1.24 -1.76 -21.34
C HIS A 262 -0.40 -1.14 -22.45
N GLU A 263 -0.58 -1.60 -23.68
CA GLU A 263 0.27 -1.16 -24.78
C GLU A 263 -0.01 0.26 -25.28
N ARG A 264 -1.26 0.65 -25.36
CA ARG A 264 -1.60 2.01 -25.67
C ARG A 264 -1.02 3.01 -24.64
N LEU A 265 -1.15 2.72 -23.35
CA LEU A 265 -0.60 3.60 -22.32
C LEU A 265 0.92 3.71 -22.47
N TYR A 266 1.57 2.59 -22.73
CA TYR A 266 2.99 2.56 -23.04
C TYR A 266 3.39 3.47 -24.22
N SER A 267 2.66 3.40 -25.34
CA SER A 267 2.95 4.22 -26.53
C SER A 267 2.76 5.71 -26.25
N ASP A 268 1.66 6.03 -25.55
CA ASP A 268 1.34 7.41 -25.18
C ASP A 268 2.42 7.98 -24.27
N LEU A 269 2.69 7.33 -23.16
CA LEU A 269 3.76 7.81 -22.28
C LEU A 269 5.13 7.95 -22.96
N SER A 270 5.44 7.07 -23.91
CA SER A 270 6.76 7.10 -24.55
C SER A 270 6.94 8.40 -25.31
N LYS A 271 5.86 8.88 -25.93
CA LYS A 271 5.89 10.14 -26.67
C LYS A 271 5.91 11.38 -25.78
N GLU A 272 5.45 11.27 -24.54
CA GLU A 272 5.22 12.44 -23.70
C GLU A 272 6.30 12.65 -22.63
N LEU A 273 6.75 11.58 -22.00
CA LEU A 273 7.74 11.70 -20.92
C LEU A 273 9.08 12.23 -21.44
N PRO A 274 9.82 12.96 -20.60
CA PRO A 274 11.16 13.41 -20.99
C PRO A 274 11.97 12.24 -21.51
N GLU A 275 12.88 12.48 -22.46
CA GLU A 275 13.62 11.36 -23.05
C GLU A 275 14.52 10.63 -22.05
N PHE A 276 14.95 11.29 -20.96
CA PHE A 276 15.80 10.65 -19.95
C PHE A 276 15.09 9.55 -19.13
N VAL A 277 13.76 9.51 -19.20
CA VAL A 277 12.96 8.55 -18.45
C VAL A 277 12.92 7.22 -19.20
N ARG A 278 13.35 6.14 -18.55
CA ARG A 278 13.23 4.80 -19.15
C ARG A 278 11.85 4.22 -18.90
N LEU A 279 11.26 3.71 -19.97
CA LEU A 279 9.90 3.23 -19.96
C LEU A 279 10.04 1.75 -20.30
N THR A 280 9.46 0.88 -19.49
CA THR A 280 9.45 -0.56 -19.75
C THR A 280 8.03 -1.12 -19.68
N HIS A 281 7.62 -1.77 -20.76
CA HIS A 281 6.38 -2.51 -20.81
C HIS A 281 6.62 -3.95 -20.42
N VAL A 282 5.87 -4.41 -19.41
CA VAL A 282 5.89 -5.78 -18.93
C VAL A 282 4.47 -6.36 -18.88
N PRO A 283 4.33 -7.66 -19.16
CA PRO A 283 3.04 -8.34 -19.03
C PRO A 283 2.63 -8.57 -17.57
N LYS A 284 1.35 -8.74 -17.35
CA LYS A 284 0.86 -9.14 -16.04
C LYS A 284 1.07 -10.65 -15.92
N SER A 285 1.24 -11.13 -14.69
CA SER A 285 1.25 -12.56 -14.42
C SER A 285 -0.12 -13.15 -14.69
N GLY A 286 -0.14 -14.36 -15.24
CA GLY A 286 -1.38 -15.13 -15.37
C GLY A 286 -2.07 -15.48 -14.05
N GLY A 287 -1.37 -15.31 -12.93
CA GLY A 287 -1.96 -15.61 -11.63
C GLY A 287 -2.68 -14.44 -10.95
N VAL A 288 -2.69 -13.26 -11.56
CA VAL A 288 -3.38 -12.13 -10.97
C VAL A 288 -4.89 -12.32 -11.05
N GLU A 289 -5.55 -12.17 -9.92
CA GLU A 289 -7.00 -12.35 -9.82
C GLU A 289 -7.71 -11.01 -10.06
N GLN A 290 -8.73 -11.05 -10.91
CA GLN A 290 -9.60 -9.90 -11.09
C GLN A 290 -10.57 -9.79 -9.91
N ARG A 291 -10.67 -8.57 -9.36
CA ARG A 291 -11.68 -8.28 -8.36
C ARG A 291 -12.96 -7.74 -9.00
N THR A 292 -14.01 -7.70 -8.18
CA THR A 292 -15.24 -6.98 -8.48
C THR A 292 -15.35 -5.83 -7.48
N GLY A 293 -16.40 -5.02 -7.62
CA GLY A 293 -16.62 -3.91 -6.72
C GLY A 293 -16.92 -4.35 -5.30
N GLN A 294 -17.69 -5.42 -5.16
CA GLN A 294 -18.04 -5.96 -3.85
C GLN A 294 -16.82 -6.38 -3.05
N ILE A 295 -15.96 -7.18 -3.66
CA ILE A 295 -14.75 -7.65 -2.99
C ILE A 295 -13.84 -6.46 -2.62
N ARG A 296 -13.71 -5.50 -3.53
CA ARG A 296 -12.96 -4.26 -3.25
C ARG A 296 -13.45 -3.51 -2.03
N SER A 297 -14.77 -3.43 -1.88
CA SER A 297 -15.41 -2.82 -0.71
CA SER A 297 -15.41 -2.82 -0.69
C SER A 297 -15.10 -3.65 0.54
N LYS A 298 -15.29 -4.96 0.43
CA LYS A 298 -15.00 -5.87 1.53
C LYS A 298 -13.57 -5.65 1.98
N MSE A 299 -12.66 -5.57 1.02
CA MSE A 299 -11.24 -5.41 1.35
C MSE A 299 -10.89 -4.06 2.00
O MSE A 299 -9.99 -4.02 2.84
CB MSE A 299 -10.37 -5.63 0.11
CG MSE A 299 -10.48 -7.05 -0.44
SE MSE A 299 -9.13 -7.49 -1.75
CE MSE A 299 -9.04 -5.85 -2.81
N ARG A 300 -11.58 -2.99 1.61
CA ARG A 300 -11.39 -1.69 2.26
C ARG A 300 -11.79 -1.77 3.74
N GLY A 301 -12.92 -2.42 4.02
CA GLY A 301 -13.38 -2.65 5.41
C GLY A 301 -12.39 -3.44 6.28
N GLU A 302 -11.77 -4.44 5.68
CA GLU A 302 -10.77 -5.27 6.36
C GLU A 302 -9.49 -4.46 6.58
N ASN A 303 -9.12 -3.61 5.63
CA ASN A 303 -8.00 -2.69 5.85
C ASN A 303 -8.20 -1.73 7.04
N VAL A 304 -9.37 -1.12 7.14
CA VAL A 304 -9.71 -0.26 8.28
C VAL A 304 -9.70 -1.02 9.61
N HIS A 305 -10.29 -2.21 9.62
CA HIS A 305 -10.23 -3.06 10.80
C HIS A 305 -8.77 -3.31 11.22
N ARG A 306 -7.93 -3.66 10.26
CA ARG A 306 -6.51 -3.87 10.52
C ARG A 306 -5.81 -2.62 11.10
N TYR A 307 -6.16 -1.43 10.58
CA TYR A 307 -5.58 -0.20 11.11
C TYR A 307 -5.80 -0.13 12.63
N PHE A 308 -6.98 -0.52 13.09
CA PHE A 308 -7.31 -0.36 14.50
C PHE A 308 -6.92 -1.58 15.31
N TYR A 309 -7.19 -2.77 14.77
CA TYR A 309 -7.06 -4.01 15.54
C TYR A 309 -5.81 -4.84 15.23
N GLY A 310 -5.15 -4.56 14.12
CA GLY A 310 -3.94 -5.26 13.76
C GLY A 310 -4.22 -6.57 13.05
N THR A 311 -3.32 -7.54 13.26
CA THR A 311 -3.39 -8.83 12.60
C THR A 311 -3.43 -9.95 13.62
N ARG A 312 -3.62 -11.18 13.13
CA ARG A 312 -3.52 -12.40 13.95
C ARG A 312 -2.13 -12.56 14.59
N ALA A 313 -1.08 -12.25 13.83
CA ALA A 313 0.30 -12.31 14.34
C ALA A 313 0.60 -11.17 15.33
N ASN A 314 0.32 -9.92 14.92
CA ASN A 314 0.51 -8.74 15.76
C ASN A 314 -0.79 -7.98 16.03
N ASN A 315 -1.40 -8.31 17.17
CA ASN A 315 -2.65 -7.70 17.61
C ASN A 315 -2.41 -6.28 18.01
N LEU A 316 -3.33 -5.40 17.66
CA LEU A 316 -3.34 -4.06 18.21
C LEU A 316 -4.61 -3.96 19.06
N TYR A 317 -4.52 -3.13 20.10
CA TYR A 317 -5.53 -3.06 21.14
C TYR A 317 -5.96 -1.61 21.29
N PRO A 318 -6.96 -1.21 20.50
CA PRO A 318 -7.38 0.17 20.46
C PRO A 318 -8.26 0.54 21.66
N PHE A 319 -8.36 1.85 21.91
CA PHE A 319 -9.22 2.35 22.98
C PHE A 319 -10.48 2.91 22.37
N THR A 320 -11.57 2.76 23.11
CA THR A 320 -12.84 3.40 22.83
C THR A 320 -13.13 4.34 23.99
N PHE A 321 -13.29 5.63 23.71
CA PHE A 321 -13.65 6.58 24.75
C PHE A 321 -14.45 7.74 24.16
N ASP A 322 -14.94 8.58 25.05
CA ASP A 322 -15.79 9.69 24.69
C ASP A 322 -14.99 10.99 24.65
N VAL A 323 -15.41 11.89 23.77
CA VAL A 323 -14.72 13.16 23.56
C VAL A 323 -15.76 14.25 23.48
N SER A 324 -15.54 15.33 24.20
CA SER A 324 -16.45 16.48 24.19
C SER A 324 -16.38 17.18 22.84
N PHE A 325 -17.50 17.67 22.33
CA PHE A 325 -17.48 18.50 21.12
C PHE A 325 -16.63 19.74 21.35
N ASP A 326 -16.51 20.16 22.59
CA ASP A 326 -15.76 21.35 22.92
C ASP A 326 -14.24 21.12 22.83
N ASP A 327 -13.79 19.89 23.01
CA ASP A 327 -12.36 19.60 23.03
C ASP A 327 -11.76 19.32 21.64
N VAL A 328 -12.62 19.26 20.61
CA VAL A 328 -12.15 19.03 19.24
CA VAL A 328 -12.19 18.99 19.23
C VAL A 328 -12.83 19.97 18.25
N THR A 329 -12.17 20.17 17.11
CA THR A 329 -12.76 20.88 15.99
CA THR A 329 -12.74 20.89 15.99
C THR A 329 -12.79 19.97 14.77
N LEU A 330 -13.99 19.73 14.25
CA LEU A 330 -14.18 18.88 13.06
C LEU A 330 -14.15 19.78 11.85
N CYS A 331 -13.44 19.34 10.80
CA CYS A 331 -13.46 20.06 9.52
C CYS A 331 -13.49 19.12 8.32
N LYS A 332 -13.82 19.67 7.16
CA LYS A 332 -13.94 18.92 5.92
C LYS A 332 -13.25 19.71 4.82
N ILE A 333 -12.47 19.02 4.00
CA ILE A 333 -11.85 19.62 2.83
C ILE A 333 -12.82 19.49 1.67
N GLY A 334 -13.11 20.61 1.00
CA GLY A 334 -13.90 20.62 -0.24
C GLY A 334 -15.27 21.25 -0.06
N LYS A 355 -10.43 24.08 -0.26
CA LYS A 355 -10.63 24.90 0.92
C LYS A 355 -11.20 24.11 2.10
N LEU A 356 -10.99 24.63 3.30
CA LEU A 356 -11.48 24.00 4.52
C LEU A 356 -12.83 24.61 4.92
N VAL A 357 -13.70 23.78 5.48
CA VAL A 357 -14.97 24.20 6.04
C VAL A 357 -15.08 23.53 7.40
N ILE A 358 -15.58 24.25 8.40
CA ILE A 358 -15.74 23.69 9.74
C ILE A 358 -17.08 22.98 9.83
N MSE A 359 -17.09 21.82 10.48
CA MSE A 359 -18.31 21.02 10.66
C MSE A 359 -18.87 21.13 12.07
O MSE A 359 -18.13 21.02 13.05
CB MSE A 359 -18.04 19.56 10.41
CG MSE A 359 -17.66 19.23 9.02
SE MSE A 359 -17.39 17.30 8.96
CE MSE A 359 -19.21 16.71 8.47
N GLU A 360 -20.19 21.30 12.17
CA GLU A 360 -20.87 21.21 13.45
C GLU A 360 -21.18 19.73 13.61
N PRO A 361 -20.78 19.13 14.75
CA PRO A 361 -21.00 17.69 14.90
C PRO A 361 -22.48 17.32 14.74
N SER A 362 -22.74 16.35 13.87
CA SER A 362 -24.10 15.91 13.55
CA SER A 362 -24.10 15.91 13.57
C SER A 362 -24.15 14.39 13.62
N ALA A 363 -25.35 13.85 13.42
CA ALA A 363 -25.55 12.40 13.36
C ALA A 363 -24.80 11.80 12.16
N ASP A 364 -24.57 12.62 11.14
CA ASP A 364 -24.01 12.15 9.88
C ASP A 364 -22.50 11.91 9.90
N ILE A 365 -21.81 12.35 10.96
CA ILE A 365 -20.39 12.00 11.13
C ILE A 365 -20.21 10.58 11.65
N LYS A 366 -21.32 9.93 12.00
CA LYS A 366 -21.27 8.59 12.57
C LYS A 366 -20.75 7.57 11.58
N HIS A 367 -19.82 6.74 12.04
CA HIS A 367 -19.19 5.69 11.23
C HIS A 367 -18.09 6.17 10.32
N HIS A 368 -17.77 7.46 10.39
CA HIS A 368 -16.77 8.02 9.50
C HIS A 368 -15.43 7.99 10.19
N LEU A 369 -14.40 7.78 9.39
CA LEU A 369 -13.03 8.04 9.83
C LEU A 369 -12.77 9.53 9.85
N PHE A 370 -12.06 9.99 10.88
CA PHE A 370 -11.48 11.32 10.88
C PHE A 370 -9.97 11.21 11.10
N ALA A 371 -9.22 12.10 10.46
CA ALA A 371 -7.77 12.13 10.62
C ALA A 371 -7.40 13.10 11.69
N PHE A 372 -6.46 12.74 12.55
CA PHE A 372 -5.86 13.70 13.47
C PHE A 372 -4.78 14.48 12.75
N SER A 373 -5.04 15.75 12.42
CA SER A 373 -4.10 16.55 11.62
C SER A 373 -2.90 16.99 12.45
N ARG A 374 -1.74 17.11 11.79
CA ARG A 374 -0.52 17.61 12.44
CA ARG A 374 -0.54 17.59 12.47
C ARG A 374 -0.51 19.13 12.53
N SER A 375 -1.47 19.79 11.89
CA SER A 375 -1.52 21.25 11.95
C SER A 375 -2.21 21.67 13.26
N THR A 376 -1.79 22.80 13.81
CA THR A 376 -2.16 23.14 15.18
C THR A 376 -3.55 23.77 15.24
N LYS A 377 -3.91 24.48 14.18
CA LYS A 377 -5.25 25.04 14.07
C LYS A 377 -5.93 24.55 12.80
N ALA A 378 -7.23 24.78 12.69
CA ALA A 378 -8.02 24.48 11.50
C ALA A 378 -7.73 25.47 10.36
N ASP A 379 -6.47 25.50 9.93
CA ASP A 379 -5.94 26.49 8.99
C ASP A 379 -6.11 26.08 7.54
N GLU A 380 -5.69 26.99 6.66
CA GLU A 380 -5.22 26.66 5.32
C GLU A 380 -4.19 25.51 5.36
N ASN A 381 -3.40 25.45 6.42
CA ASN A 381 -2.35 24.45 6.60
C ASN A 381 -2.84 23.01 6.82
N VAL A 382 -4.11 22.82 7.19
CA VAL A 382 -4.67 21.46 7.34
C VAL A 382 -4.57 20.66 6.06
N LEU A 383 -4.86 21.33 4.94
CA LEU A 383 -4.83 20.78 3.58
C LEU A 383 -3.45 20.23 3.17
N LYS A 384 -2.41 20.89 3.67
CA LYS A 384 -1.01 20.69 3.33
C LYS A 384 -0.32 19.73 4.32
N SER A 385 -0.98 19.42 5.43
CA SER A 385 -0.31 18.74 6.54
C SER A 385 -0.55 17.24 6.52
N PRO A 386 0.50 16.46 6.79
CA PRO A 386 0.26 15.04 7.03
C PRO A 386 -0.54 14.85 8.30
N VAL A 387 -1.01 13.62 8.55
CA VAL A 387 -1.80 13.33 9.73
C VAL A 387 -1.05 12.41 10.70
N PHE A 388 -1.40 12.53 11.98
CA PHE A 388 -0.86 11.66 13.01
C PHE A 388 -1.39 10.26 12.82
N GLY A 389 -2.66 10.16 12.45
CA GLY A 389 -3.37 8.90 12.41
C GLY A 389 -4.85 9.16 12.30
N PHE A 390 -5.64 8.15 12.67
CA PHE A 390 -7.08 8.16 12.43
C PHE A 390 -7.83 7.70 13.65
N CYS A 391 -9.12 8.05 13.68
CA CYS A 391 -10.05 7.48 14.62
C CYS A 391 -11.36 7.23 13.85
N LEU A 392 -12.23 6.43 14.46
CA LEU A 392 -13.50 6.07 13.87
C LEU A 392 -14.55 6.59 14.83
N VAL A 393 -15.50 7.38 14.33
CA VAL A 393 -16.58 7.86 15.16
C VAL A 393 -17.61 6.77 15.25
N THR A 394 -17.78 6.21 16.45
CA THR A 394 -18.67 5.07 16.62
C THR A 394 -20.05 5.46 17.18
N GLU A 395 -20.14 6.54 17.96
CA GLU A 395 -21.44 7.05 18.45
C GLU A 395 -21.44 8.58 18.49
N VAL A 396 -22.62 9.17 18.40
CA VAL A 396 -22.78 10.62 18.53
C VAL A 396 -23.92 10.95 19.50
N ASP A 397 -23.55 11.48 20.65
CA ASP A 397 -24.51 11.84 21.67
C ASP A 397 -24.73 13.34 21.63
N LEU A 398 -25.77 13.76 20.90
CA LEU A 398 -26.00 15.17 20.63
C LEU A 398 -26.46 15.93 21.85
N GLU A 399 -27.26 15.28 22.70
CA GLU A 399 -27.74 15.92 23.92
C GLU A 399 -26.63 16.07 24.97
N LYS A 400 -25.81 15.05 25.15
CA LYS A 400 -24.63 15.14 26.04
C LYS A 400 -23.47 15.91 25.41
N ARG A 401 -23.54 16.15 24.10
CA ARG A 401 -22.50 16.84 23.33
C ARG A 401 -21.16 16.11 23.35
N THR A 402 -21.21 14.79 23.22
CA THR A 402 -20.00 13.97 23.19
C THR A 402 -20.10 12.96 22.05
N MSE A 403 -18.95 12.56 21.51
CA MSE A 403 -18.89 11.46 20.56
C MSE A 403 -18.02 10.36 21.14
O MSE A 403 -17.16 10.63 21.99
CB MSE A 403 -18.35 11.91 19.21
CG MSE A 403 -16.89 12.35 19.23
SE MSE A 403 -16.35 13.34 17.62
CE MSE A 403 -17.50 14.90 17.87
N SER A 404 -18.26 9.13 20.71
CA SER A 404 -17.41 8.01 21.06
C SER A 404 -16.56 7.69 19.87
N ILE A 405 -15.26 7.50 20.13
CA ILE A 405 -14.30 7.19 19.07
C ILE A 405 -13.50 5.92 19.36
N LEU A 406 -13.21 5.17 18.30
CA LEU A 406 -12.20 4.14 18.36
C LEU A 406 -10.90 4.82 17.96
N CYS A 407 -9.86 4.64 18.79
CA CYS A 407 -8.57 5.32 18.61
C CYS A 407 -7.40 4.38 18.94
N PRO A 408 -6.33 4.38 18.11
CA PRO A 408 -5.17 3.52 18.41
C PRO A 408 -4.46 3.90 19.72
N GLN A 409 -4.64 5.13 20.18
CA GLN A 409 -4.07 5.55 21.45
C GLN A 409 -5.08 6.15 22.42
N ARG A 410 -4.67 6.24 23.68
CA ARG A 410 -5.55 6.53 24.81
C ARG A 410 -6.07 7.97 24.83
N THR A 411 -5.28 8.93 24.39
CA THR A 411 -5.79 10.30 24.22
C THR A 411 -5.55 10.72 22.76
N ILE A 412 -6.37 11.65 22.30
CA ILE A 412 -6.23 12.15 20.95
C ILE A 412 -4.87 12.82 20.75
N PRO A 413 -4.19 12.52 19.63
CA PRO A 413 -2.90 13.16 19.33
C PRO A 413 -3.03 14.58 18.83
N SER A 414 -4.23 14.97 18.44
CA SER A 414 -4.48 16.30 17.89
C SER A 414 -5.92 16.69 18.14
N LYS A 415 -6.15 17.99 18.27
CA LYS A 415 -7.49 18.52 18.49
C LYS A 415 -8.15 18.93 17.17
N VAL A 416 -7.44 18.75 16.05
CA VAL A 416 -8.00 19.06 14.74
C VAL A 416 -8.32 17.74 14.05
N LEU A 417 -9.60 17.48 13.86
CA LEU A 417 -10.06 16.23 13.28
C LEU A 417 -10.60 16.48 11.91
N VAL A 418 -10.02 15.81 10.90
CA VAL A 418 -10.39 16.05 9.52
C VAL A 418 -11.22 14.91 8.96
N PHE A 419 -12.39 15.26 8.41
CA PHE A 419 -13.35 14.32 7.85
C PHE A 419 -12.81 13.45 6.71
N SER A 420 -13.14 12.17 6.74
CA SER A 420 -12.98 11.28 5.60
C SER A 420 -14.34 10.71 5.26
N ASP A 421 -14.62 10.59 3.96
CA ASP A 421 -15.89 10.02 3.49
C ASP A 421 -15.92 8.50 3.66
N ILE A 422 -14.79 7.88 4.03
CA ILE A 422 -14.77 6.45 4.27
C ILE A 422 -15.50 6.11 5.57
N THR A 423 -16.43 5.15 5.48
CA THR A 423 -17.19 4.68 6.62
C THR A 423 -16.93 3.20 6.92
N HIS A 424 -17.13 2.84 8.19
CA HIS A 424 -16.86 1.50 8.67
C HIS A 424 -17.80 1.11 9.82
N LEU A 425 -18.61 0.09 9.60
CA LEU A 425 -19.43 -0.52 10.64
C LEU A 425 -18.57 -1.61 11.30
N ASP A 426 -18.40 -1.52 12.61
CA ASP A 426 -17.53 -2.47 13.36
C ASP A 426 -18.37 -3.34 14.29
PG ANP B . -5.60 -2.99 -8.03
O1G ANP B . -4.52 -2.12 -7.46
O2G ANP B . -5.91 -2.57 -9.43
O3G ANP B . -6.78 -3.30 -7.14
PB ANP B . -3.25 -4.80 -8.43
O1B ANP B . -2.94 -4.44 -9.87
O2B ANP B . -2.38 -4.02 -7.49
N3B ANP B . -4.94 -4.60 -8.10
PA ANP B . -2.47 -7.08 -6.88
O1A ANP B . -3.24 -6.40 -5.76
O2A ANP B . -0.96 -7.11 -6.91
O3A ANP B . -3.02 -6.40 -8.23
O5' ANP B . -2.95 -8.61 -7.05
C5' ANP B . -4.34 -8.98 -6.90
C4' ANP B . -4.44 -10.34 -6.20
O4' ANP B . -3.77 -11.29 -7.02
C3' ANP B . -3.74 -10.40 -4.85
O3' ANP B . -4.42 -11.24 -3.94
C2' ANP B . -2.43 -11.08 -5.11
O2' ANP B . -2.01 -11.81 -3.96
C1' ANP B . -2.79 -12.00 -6.26
N9 ANP B . -1.64 -12.36 -7.11
C8 ANP B . -0.80 -11.52 -7.75
N7 ANP B . 0.13 -12.20 -8.45
C5 ANP B . -0.13 -13.50 -8.25
C6 ANP B . 0.47 -14.75 -8.73
N6 ANP B . 1.55 -14.73 -9.53
N1 ANP B . -0.10 -15.91 -8.31
C2 ANP B . -1.18 -15.93 -7.50
N3 ANP B . -1.78 -14.81 -7.05
C4 ANP B . -1.29 -13.60 -7.39
MG MG C . -2.96 -2.56 -6.36
O4 2PE D . 21.85 -10.40 -4.51
C5 2PE D . 20.72 -10.43 -3.61
C6 2PE D . 19.56 -9.62 -4.20
O7 2PE D . 18.37 -10.41 -4.15
C8 2PE D . 17.50 -10.24 -5.27
C9 2PE D . 16.61 -11.45 -5.37
O10 2PE D . 17.25 -12.37 -6.23
C11 2PE D . 16.51 -13.56 -6.47
C12 2PE D . 17.36 -14.78 -6.12
O13 2PE D . 18.44 -14.93 -7.04
#